data_4GDZ
#
_entry.id   4GDZ
#
_cell.length_a   125.801
_cell.length_b   125.801
_cell.length_c   125.801
_cell.angle_alpha   90.000
_cell.angle_beta   90.000
_cell.angle_gamma   90.000
#
_symmetry.space_group_name_H-M   'P 41 3 2'
#
loop_
_entity.id
_entity.type
_entity.pdbx_description
1 polymer 'Uncharacterized protein'
2 non-polymer 'MAGNESIUM ION'
3 non-polymer GLYCEROL
4 water water
#
_entity_poly.entity_id   1
_entity_poly.type   'polypeptide(L)'
_entity_poly.pdbx_seq_one_letter_code
;GQESSTQRRADRKAQRDAERARLKAEQQAADAVSYDDAVAALKAQQFVLEANQV(MSE)FRNGQTAFVTSNTNFVLVNQG
RGTVQVAFNTVYPGPNGIGGVTVDGTVSDIKTSTDKRGNINCSFSIQGIGISAQIFLTLTNGDNNATVTINPNFNSNT
(MSE)TLSGSLLPLNQSNIFKGRSW
;
_entity_poly.pdbx_strand_id   A
#
# COMPACT_ATOMS: atom_id res chain seq x y z
N GLN A 27 -9.36 -22.96 -3.12
CA GLN A 27 -8.18 -22.07 -3.37
C GLN A 27 -8.50 -20.97 -4.39
N GLN A 28 -9.17 -21.32 -5.49
CA GLN A 28 -9.56 -20.35 -6.53
C GLN A 28 -10.74 -19.49 -6.05
N ALA A 29 -11.72 -20.13 -5.40
CA ALA A 29 -12.86 -19.41 -4.81
C ALA A 29 -12.46 -18.54 -3.63
N ALA A 30 -11.44 -18.96 -2.88
CA ALA A 30 -10.91 -18.22 -1.72
C ALA A 30 -10.27 -16.88 -2.17
N ASP A 31 -9.52 -16.93 -3.27
CA ASP A 31 -8.91 -15.73 -3.86
C ASP A 31 -9.92 -14.77 -4.50
N ALA A 32 -10.92 -15.35 -5.20
CA ALA A 32 -12.01 -14.58 -5.83
C ALA A 32 -12.81 -13.74 -4.84
N VAL A 33 -13.10 -14.31 -3.64
CA VAL A 33 -13.79 -13.58 -2.54
C VAL A 33 -12.91 -12.48 -1.96
N SER A 34 -11.61 -12.79 -1.77
CA SER A 34 -10.62 -11.82 -1.34
C SER A 34 -10.54 -10.65 -2.33
N TYR A 35 -10.63 -10.94 -3.63
CA TYR A 35 -10.61 -9.89 -4.65
C TYR A 35 -11.84 -8.98 -4.48
N ASP A 36 -13.03 -9.58 -4.45
CA ASP A 36 -14.27 -8.82 -4.19
C ASP A 36 -14.20 -7.97 -2.91
N ASP A 37 -13.63 -8.53 -1.84
CA ASP A 37 -13.49 -7.82 -0.56
C ASP A 37 -12.53 -6.63 -0.75
N ALA A 38 -11.42 -6.86 -1.47
CA ALA A 38 -10.42 -5.80 -1.71
C ALA A 38 -11.03 -4.66 -2.52
N VAL A 39 -11.79 -4.99 -3.56
CA VAL A 39 -12.48 -3.98 -4.38
C VAL A 39 -13.50 -3.17 -3.58
N ALA A 40 -14.32 -3.85 -2.78
CA ALA A 40 -15.25 -3.15 -1.90
C ALA A 40 -14.49 -2.26 -0.90
N ALA A 41 -13.34 -2.71 -0.39
CA ALA A 41 -12.56 -1.90 0.56
C ALA A 41 -12.01 -0.61 -0.11
N LEU A 42 -11.48 -0.72 -1.33
CA LEU A 42 -11.03 0.45 -2.10
C LEU A 42 -12.18 1.39 -2.32
N LYS A 43 -13.33 0.85 -2.73
CA LYS A 43 -14.50 1.68 -2.97
C LYS A 43 -14.99 2.40 -1.70
N ALA A 44 -14.94 1.74 -0.54
CA ALA A 44 -15.24 2.38 0.76
C ALA A 44 -14.15 3.38 1.23
N GLN A 45 -12.97 3.38 0.60
CA GLN A 45 -11.80 4.13 1.12
C GLN A 45 -11.50 3.72 2.55
N GLN A 46 -11.61 2.42 2.82
CA GLN A 46 -11.33 1.84 4.11
C GLN A 46 -10.56 0.54 3.85
N PHE A 47 -9.24 0.66 3.78
CA PHE A 47 -8.39 -0.46 3.42
C PHE A 47 -7.00 -0.35 4.00
N VAL A 48 -6.33 -1.49 4.07
CA VAL A 48 -4.92 -1.56 4.39
C VAL A 48 -4.22 -2.48 3.39
N LEU A 49 -3.13 -2.00 2.81
CA LEU A 49 -2.18 -2.85 2.08
C LEU A 49 -1.10 -3.25 3.10
N GLU A 50 -1.04 -4.53 3.43
CA GLU A 50 -0.04 -5.07 4.33
C GLU A 50 1.08 -5.72 3.48
N ALA A 51 2.25 -5.07 3.44
CA ALA A 51 3.33 -5.49 2.53
C ALA A 51 4.13 -6.62 3.15
N ASN A 52 4.60 -7.56 2.32
CA ASN A 52 5.50 -8.62 2.78
C ASN A 52 6.77 -8.73 1.95
N GLN A 53 6.89 -7.87 0.94
CA GLN A 53 8.16 -7.75 0.28
C GLN A 53 8.39 -6.40 -0.32
N VAL A 54 9.68 -6.10 -0.46
CA VAL A 54 10.15 -4.96 -1.19
C VAL A 54 10.70 -5.47 -2.53
N PHE A 56 12.90 -4.66 -6.04
CA PHE A 56 14.04 -3.88 -6.56
C PHE A 56 13.95 -3.74 -8.08
N ARG A 57 14.57 -2.68 -8.59
CA ARG A 57 14.52 -2.30 -10.02
C ARG A 57 15.10 -3.41 -10.92
N ASN A 58 16.09 -4.14 -10.41
CA ASN A 58 16.69 -5.21 -11.20
C ASN A 58 15.84 -6.52 -11.30
N GLY A 59 14.69 -6.54 -10.62
CA GLY A 59 13.79 -7.73 -10.67
C GLY A 59 13.91 -8.55 -9.38
N GLN A 60 14.88 -8.24 -8.53
CA GLN A 60 15.04 -8.91 -7.20
C GLN A 60 13.94 -8.51 -6.24
N THR A 61 13.76 -9.30 -5.18
CA THR A 61 12.89 -8.93 -4.08
C THR A 61 13.63 -9.25 -2.76
N ALA A 62 13.15 -8.70 -1.65
CA ALA A 62 13.56 -9.16 -0.30
C ALA A 62 12.31 -9.12 0.56
N PHE A 63 12.21 -10.02 1.52
CA PHE A 63 11.04 -9.99 2.44
C PHE A 63 11.18 -8.89 3.50
N VAL A 64 10.03 -8.43 4.01
CA VAL A 64 9.96 -7.35 5.00
C VAL A 64 8.87 -7.71 6.00
N THR A 65 8.91 -7.08 7.17
CA THR A 65 7.87 -7.24 8.20
C THR A 65 6.67 -6.34 7.94
N SER A 66 5.48 -6.94 7.88
CA SER A 66 4.23 -6.20 7.71
C SER A 66 3.91 -5.15 8.80
N ASN A 67 4.29 -5.41 10.06
CA ASN A 67 4.03 -4.48 11.17
C ASN A 67 4.49 -3.03 10.93
N THR A 68 5.57 -2.86 10.18
CA THR A 68 6.06 -1.51 9.84
C THR A 68 6.16 -1.30 8.33
N ASN A 69 5.35 -2.01 7.55
CA ASN A 69 5.31 -1.87 6.08
C ASN A 69 3.87 -2.00 5.57
N PHE A 70 3.18 -0.88 5.58
CA PHE A 70 1.78 -0.84 5.22
C PHE A 70 1.31 0.54 4.75
N VAL A 71 0.18 0.53 4.07
CA VAL A 71 -0.55 1.75 3.68
C VAL A 71 -1.99 1.56 4.15
N LEU A 72 -2.41 2.45 5.03
CA LEU A 72 -3.75 2.43 5.63
C LEU A 72 -4.49 3.68 5.22
N VAL A 73 -5.72 3.50 4.70
CA VAL A 73 -6.57 4.61 4.34
C VAL A 73 -7.89 4.37 5.05
N ASN A 74 -8.35 5.38 5.78
CA ASN A 74 -9.65 5.33 6.46
C ASN A 74 -10.37 6.62 6.23
N GLN A 75 -11.12 6.65 5.13
CA GLN A 75 -11.86 7.82 4.67
C GLN A 75 -10.87 8.97 4.39
N GLY A 76 -10.97 10.12 5.02
CA GLY A 76 -10.04 11.21 4.67
C GLY A 76 -8.68 11.19 5.35
N ARG A 77 -8.42 10.15 6.15
CA ARG A 77 -7.16 10.04 6.88
C ARG A 77 -6.40 8.82 6.38
N GLY A 78 -5.08 8.91 6.44
CA GLY A 78 -4.26 7.81 6.05
C GLY A 78 -2.92 7.86 6.72
N THR A 79 -2.26 6.71 6.67
CA THR A 79 -0.93 6.50 7.23
C THR A 79 -0.17 5.54 6.32
N VAL A 80 1.03 5.94 5.98
CA VAL A 80 1.98 5.04 5.34
C VAL A 80 3.18 4.91 6.24
N GLN A 81 3.56 3.66 6.48
CA GLN A 81 4.78 3.36 7.19
C GLN A 81 5.55 2.30 6.39
N VAL A 82 6.82 2.59 6.10
CA VAL A 82 7.72 1.65 5.41
C VAL A 82 9.03 1.66 6.21
N ALA A 83 9.58 0.48 6.47
CA ALA A 83 10.85 0.34 7.15
C ALA A 83 11.38 -1.05 6.90
N PHE A 84 12.45 -1.11 6.11
CA PHE A 84 13.07 -2.40 5.76
C PHE A 84 14.58 -2.27 5.92
N ASN A 85 15.18 -3.36 6.38
CA ASN A 85 16.57 -3.43 6.63
C ASN A 85 16.92 -4.87 6.22
N THR A 86 17.29 -5.07 4.97
CA THR A 86 17.31 -6.41 4.33
C THR A 86 18.74 -6.85 4.00
N VAL A 87 18.86 -8.10 3.56
CA VAL A 87 20.13 -8.69 3.18
C VAL A 87 20.57 -8.19 1.76
N TYR A 88 19.69 -7.49 1.04
CA TYR A 88 20.08 -6.89 -0.25
C TYR A 88 21.23 -5.88 0.07
N PRO A 89 22.44 -6.13 -0.45
CA PRO A 89 23.60 -5.37 0.05
C PRO A 89 23.54 -3.90 -0.38
N GLY A 90 24.11 -3.03 0.44
CA GLY A 90 24.26 -1.64 0.09
C GLY A 90 23.05 -0.76 0.32
N PRO A 91 23.16 0.54 -0.04
CA PRO A 91 22.14 1.54 0.31
C PRO A 91 20.73 1.27 -0.19
N ASN A 92 20.57 0.56 -1.31
CA ASN A 92 19.21 0.24 -1.73
C ASN A 92 18.50 -0.84 -0.90
N GLY A 93 19.22 -1.58 -0.06
CA GLY A 93 18.60 -2.65 0.72
C GLY A 93 18.05 -2.22 2.07
N ILE A 94 18.13 -0.93 2.34
CA ILE A 94 17.62 -0.33 3.60
C ILE A 94 16.84 0.93 3.18
N GLY A 95 15.66 1.16 3.76
CA GLY A 95 14.86 2.33 3.33
C GLY A 95 13.66 2.45 4.24
N GLY A 96 12.94 3.55 4.09
CA GLY A 96 11.73 3.73 4.86
C GLY A 96 11.26 5.17 4.93
N VAL A 97 10.02 5.31 5.36
CA VAL A 97 9.37 6.60 5.57
C VAL A 97 8.13 6.36 6.45
N THR A 98 7.75 7.35 7.24
CA THR A 98 6.42 7.36 7.89
C THR A 98 5.72 8.69 7.63
N VAL A 99 4.51 8.63 7.09
CA VAL A 99 3.69 9.83 6.90
C VAL A 99 2.30 9.52 7.44
N ASP A 100 1.84 10.34 8.36
CA ASP A 100 0.52 10.19 8.95
C ASP A 100 -0.22 11.49 8.74
N GLY A 101 -1.38 11.45 8.09
CA GLY A 101 -2.15 12.66 7.87
C GLY A 101 -3.41 12.46 7.05
N THR A 102 -3.61 13.34 6.07
CA THR A 102 -4.86 13.37 5.33
C THR A 102 -4.63 12.83 3.92
N VAL A 103 -5.68 12.27 3.35
CA VAL A 103 -5.64 11.64 2.03
C VAL A 103 -6.26 12.58 1.02
N SER A 104 -5.62 12.76 -0.13
CA SER A 104 -6.14 13.67 -1.14
C SER A 104 -5.82 13.15 -2.53
N ASP A 105 -6.48 13.78 -3.51
CA ASP A 105 -6.19 13.57 -4.94
C ASP A 105 -6.34 12.10 -5.34
N ILE A 106 -7.45 11.47 -4.96
CA ILE A 106 -7.67 10.05 -5.29
C ILE A 106 -8.06 9.91 -6.75
N LYS A 107 -7.33 9.09 -7.49
CA LYS A 107 -7.63 8.83 -8.91
C LYS A 107 -7.74 7.33 -9.01
N THR A 108 -8.74 6.84 -9.73
CA THR A 108 -8.99 5.40 -9.83
CA THR A 108 -8.87 5.40 -9.88
C THR A 108 -9.36 5.08 -11.27
N SER A 109 -8.91 3.94 -11.78
CA SER A 109 -9.35 3.46 -13.08
C SER A 109 -9.46 1.94 -12.99
N THR A 110 -10.43 1.37 -13.69
CA THR A 110 -10.67 -0.09 -13.71
C THR A 110 -10.82 -0.54 -15.15
N ASP A 111 -10.12 -1.57 -15.57
CA ASP A 111 -10.25 -2.03 -16.95
C ASP A 111 -11.39 -3.05 -17.06
N LYS A 112 -11.64 -3.51 -18.27
CA LYS A 112 -12.72 -4.47 -18.54
C LYS A 112 -12.52 -5.84 -17.86
N ARG A 113 -11.29 -6.15 -17.46
CA ARG A 113 -10.97 -7.40 -16.78
C ARG A 113 -11.04 -7.30 -15.26
N GLY A 114 -11.33 -6.12 -14.71
CA GLY A 114 -11.34 -5.91 -13.26
C GLY A 114 -9.99 -5.58 -12.62
N ASN A 115 -8.96 -5.30 -13.42
CA ASN A 115 -7.71 -4.75 -12.87
C ASN A 115 -7.93 -3.30 -12.48
N ILE A 116 -7.36 -2.90 -11.36
CA ILE A 116 -7.53 -1.56 -10.80
C ILE A 116 -6.19 -0.88 -10.67
N ASN A 117 -6.12 0.37 -11.11
CA ASN A 117 -4.94 1.23 -10.92
C ASN A 117 -5.46 2.44 -10.14
N CYS A 118 -4.81 2.82 -9.06
CA CYS A 118 -5.25 3.90 -8.18
CA CYS A 118 -5.23 4.01 -8.36
C CYS A 118 -4.08 4.76 -7.70
N SER A 119 -4.27 6.05 -7.55
CA SER A 119 -3.25 6.92 -6.95
C SER A 119 -3.90 7.84 -5.96
N PHE A 120 -3.08 8.31 -5.03
CA PHE A 120 -3.49 9.27 -4.03
C PHE A 120 -2.25 9.77 -3.30
N SER A 121 -2.41 10.86 -2.56
CA SER A 121 -1.36 11.38 -1.69
C SER A 121 -1.79 11.38 -0.23
N ILE A 122 -0.81 11.15 0.65
CA ILE A 122 -0.98 11.31 2.11
C ILE A 122 -0.15 12.50 2.51
N GLN A 123 -0.79 13.50 3.12
CA GLN A 123 -0.12 14.75 3.51
CA GLN A 123 -0.11 14.71 3.50
C GLN A 123 0.05 14.82 5.03
N GLY A 124 1.28 14.84 5.49
CA GLY A 124 1.60 15.04 6.91
C GLY A 124 2.05 16.47 7.15
N ILE A 125 2.72 16.67 8.28
CA ILE A 125 3.25 17.99 8.64
C ILE A 125 4.69 18.09 8.15
N GLY A 126 4.88 18.88 7.10
CA GLY A 126 6.18 19.09 6.46
C GLY A 126 6.68 17.93 5.59
N ILE A 127 5.84 16.94 5.33
CA ILE A 127 6.25 15.74 4.60
C ILE A 127 4.98 15.19 3.95
N SER A 128 5.12 14.62 2.76
CA SER A 128 4.00 13.94 2.09
C SER A 128 4.53 12.80 1.28
N ALA A 129 3.64 11.94 0.82
CA ALA A 129 4.03 10.83 -0.06
C ALA A 129 2.94 10.65 -1.09
N GLN A 130 3.36 10.48 -2.34
CA GLN A 130 2.47 10.09 -3.44
C GLN A 130 2.50 8.56 -3.62
N ILE A 131 1.30 7.99 -3.72
CA ILE A 131 1.08 6.54 -3.66
CA ILE A 131 1.18 6.54 -3.73
C ILE A 131 0.43 6.08 -4.97
N PHE A 132 0.94 5.00 -5.56
CA PHE A 132 0.33 4.36 -6.73
C PHE A 132 0.14 2.89 -6.39
N LEU A 133 -1.09 2.40 -6.53
CA LEU A 133 -1.46 1.06 -6.11
C LEU A 133 -2.15 0.35 -7.26
N THR A 134 -1.77 -0.91 -7.50
CA THR A 134 -2.35 -1.72 -8.55
C THR A 134 -2.83 -3.05 -7.96
N LEU A 135 -3.99 -3.49 -8.43
CA LEU A 135 -4.61 -4.75 -8.00
C LEU A 135 -4.97 -5.52 -9.26
N THR A 136 -4.43 -6.72 -9.40
CA THR A 136 -4.81 -7.60 -10.50
C THR A 136 -6.11 -8.39 -10.15
N ASN A 137 -6.98 -8.55 -11.13
CA ASN A 137 -8.20 -9.37 -10.96
C ASN A 137 -7.87 -10.76 -10.38
N GLY A 138 -8.79 -11.30 -9.58
CA GLY A 138 -8.73 -12.69 -9.15
C GLY A 138 -8.11 -12.95 -7.80
N ASP A 139 -7.46 -11.95 -7.20
CA ASP A 139 -6.86 -12.17 -5.88
C ASP A 139 -6.75 -10.80 -5.19
N ASN A 140 -6.22 -10.77 -3.96
CA ASN A 140 -5.99 -9.51 -3.28
C ASN A 140 -4.53 -9.11 -3.15
N ASN A 141 -3.65 -9.68 -3.97
CA ASN A 141 -2.26 -9.20 -4.00
C ASN A 141 -2.22 -7.87 -4.77
N ALA A 142 -1.55 -6.88 -4.16
CA ALA A 142 -1.45 -5.56 -4.73
C ALA A 142 -0.02 -5.11 -4.60
N THR A 143 0.37 -4.23 -5.48
CA THR A 143 1.70 -3.63 -5.51
C THR A 143 1.54 -2.14 -5.32
N VAL A 144 2.39 -1.56 -4.49
CA VAL A 144 2.29 -0.15 -4.19
C VAL A 144 3.67 0.50 -4.39
N THR A 145 3.68 1.68 -4.99
CA THR A 145 4.87 2.53 -5.04
C THR A 145 4.63 3.78 -4.23
N ILE A 146 5.61 4.08 -3.38
CA ILE A 146 5.57 5.19 -2.45
C ILE A 146 6.67 6.16 -2.77
N ASN A 147 6.27 7.41 -3.00
CA ASN A 147 7.18 8.46 -3.42
C ASN A 147 7.13 9.62 -2.45
N PRO A 148 8.07 9.68 -1.48
CA PRO A 148 8.06 10.81 -0.52
C PRO A 148 8.45 12.11 -1.17
N ASN A 149 8.02 13.24 -0.63
CA ASN A 149 8.23 14.52 -1.33
C ASN A 149 9.66 15.03 -1.27
N PHE A 150 10.50 14.52 -0.36
CA PHE A 150 11.81 15.17 -0.12
C PHE A 150 12.91 14.81 -1.09
N ASN A 151 12.80 13.70 -1.81
CA ASN A 151 13.71 13.46 -2.92
C ASN A 151 13.00 12.62 -3.96
N SER A 152 13.68 12.37 -5.08
CA SER A 152 13.06 11.75 -6.26
C SER A 152 12.98 10.20 -6.15
N ASN A 153 13.67 9.63 -5.16
CA ASN A 153 13.62 8.19 -4.96
CA ASN A 153 13.62 8.18 -4.86
C ASN A 153 12.22 7.68 -4.53
N THR A 154 11.99 6.39 -4.75
CA THR A 154 10.70 5.79 -4.47
C THR A 154 10.99 4.39 -3.95
N THR A 156 8.97 0.44 -3.78
CA THR A 156 7.88 -0.39 -4.33
C THR A 156 7.83 -1.68 -3.50
N LEU A 157 6.64 -1.97 -2.99
CA LEU A 157 6.36 -3.14 -2.16
C LEU A 157 5.11 -3.84 -2.63
N SER A 158 4.96 -5.10 -2.25
CA SER A 158 3.77 -5.85 -2.58
C SER A 158 3.31 -6.58 -1.37
N GLY A 159 2.02 -6.90 -1.38
CA GLY A 159 1.41 -7.59 -0.27
C GLY A 159 -0.09 -7.75 -0.44
N SER A 160 -0.82 -7.88 0.67
CA SER A 160 -2.27 -8.19 0.62
C SER A 160 -3.09 -6.93 0.84
N LEU A 161 -4.10 -6.69 0.00
CA LEU A 161 -5.00 -5.57 0.18
C LEU A 161 -6.25 -6.06 0.93
N LEU A 162 -6.52 -5.45 2.08
CA LEU A 162 -7.52 -5.98 3.02
C LEU A 162 -8.50 -4.90 3.46
N PRO A 163 -9.77 -5.29 3.67
CA PRO A 163 -10.65 -4.37 4.40
C PRO A 163 -10.13 -4.17 5.82
N LEU A 164 -10.44 -3.01 6.40
CA LEU A 164 -9.97 -2.64 7.74
C LEU A 164 -10.27 -3.72 8.76
N ASN A 165 -11.51 -4.24 8.74
CA ASN A 165 -11.91 -5.26 9.71
C ASN A 165 -11.27 -6.63 9.51
N GLN A 166 -10.49 -6.82 8.46
CA GLN A 166 -9.71 -8.04 8.32
C GLN A 166 -8.22 -7.81 8.49
N SER A 167 -7.85 -6.58 8.85
CA SER A 167 -6.45 -6.20 8.97
C SER A 167 -5.98 -6.24 10.42
N ASN A 168 -5.00 -7.10 10.72
CA ASN A 168 -4.39 -7.12 12.06
C ASN A 168 -3.67 -5.81 12.37
N ILE A 169 -3.15 -5.13 11.35
CA ILE A 169 -2.53 -3.80 11.53
CA ILE A 169 -2.51 -3.83 11.58
C ILE A 169 -3.55 -2.82 12.08
N PHE A 170 -4.70 -2.75 11.40
CA PHE A 170 -5.77 -1.86 11.83
C PHE A 170 -6.26 -2.24 13.22
N LYS A 171 -6.46 -3.53 13.45
CA LYS A 171 -7.14 -3.99 14.66
C LYS A 171 -6.23 -4.03 15.88
N GLY A 172 -4.92 -3.98 15.69
CA GLY A 172 -3.97 -4.16 16.79
C GLY A 172 -3.76 -2.93 17.70
N ARG A 173 -4.31 -1.78 17.31
CA ARG A 173 -4.19 -0.55 18.10
C ARG A 173 -5.40 0.35 17.89
N SER A 174 -5.54 1.35 18.77
CA SER A 174 -6.59 2.38 18.61
C SER A 174 -5.90 3.61 17.95
N TRP A 175 -6.42 4.00 16.78
CA TRP A 175 -5.83 5.02 15.93
C TRP A 175 -6.28 6.43 16.33
#